data_2P1J
#
_entry.id   2P1J
#
_cell.length_a   55.703
_cell.length_b   124.939
_cell.length_c   143.062
_cell.angle_alpha   90.000
_cell.angle_beta   90.000
_cell.angle_gamma   90.000
#
_symmetry.space_group_name_H-M   'C 2 2 21'
#
loop_
_entity.id
_entity.type
_entity.pdbx_description
1 polymer 'DNA polymerase III polC-type'
2 water water
#
_entity_poly.entity_id   1
_entity_poly.type   'polypeptide(L)'
_entity_poly.pdbx_seq_one_letter_code
;MSLSDDSTFGDATFVVLDFETTGLDPQVDEIIEIGAVKIQGGQIVDEYHTLIKPSREISRKSSEITGITQEMLENKRSIE
EVLPEFLGFLEDSIIVAHNANFDYRFLRLWIKKVMGLDWERPYIDTLALAKSLLKLRSYSLDSVVEKLGLGPFRHHRALD
DARVTAQVFLRFVEMMKKEGHHHHHH
;
_entity_poly.pdbx_strand_id   A,B
#
# COMPACT_ATOMS: atom_id res chain seq x y z
N THR A 13 -15.65 12.93 9.23
CA THR A 13 -14.19 12.64 9.29
C THR A 13 -13.77 11.34 10.08
N PHE A 14 -13.08 10.41 9.40
CA PHE A 14 -12.68 9.12 10.04
C PHE A 14 -11.19 8.82 9.98
N VAL A 15 -10.70 8.08 10.97
CA VAL A 15 -9.32 7.53 10.88
C VAL A 15 -9.30 6.01 11.05
N VAL A 16 -9.12 5.30 9.95
CA VAL A 16 -9.03 3.84 10.08
C VAL A 16 -7.62 3.39 10.32
N LEU A 17 -7.45 2.64 11.41
CA LEU A 17 -6.10 2.34 11.88
C LEU A 17 -5.76 0.87 12.11
N ASP A 18 -4.47 0.55 12.04
CA ASP A 18 -3.97 -0.81 12.28
C ASP A 18 -2.58 -0.64 12.90
N PHE A 19 -2.34 -1.36 13.99
CA PHE A 19 -1.10 -1.30 14.71
C PHE A 19 -0.31 -2.57 14.50
N GLU A 20 0.98 -2.49 14.70
CA GLU A 20 1.71 -3.69 15.04
C GLU A 20 2.22 -3.55 16.47
N THR A 21 2.21 -4.64 17.23
CA THR A 21 2.74 -4.59 18.60
C THR A 21 3.80 -5.68 18.89
N THR A 22 4.50 -5.56 20.00
CA THR A 22 5.45 -6.62 20.39
C THR A 22 4.80 -7.90 20.94
N GLY A 23 3.49 -7.89 21.12
CA GLY A 23 2.76 -8.97 21.80
C GLY A 23 1.39 -8.48 22.28
N LEU A 24 0.68 -9.32 22.99
CA LEU A 24 -0.71 -9.05 23.29
C LEU A 24 -0.92 -8.53 24.72
N ASP A 25 0.12 -8.58 25.53
CA ASP A 25 0.02 -8.26 26.97
C ASP A 25 -0.01 -6.76 27.24
N PRO A 26 -1.14 -6.23 27.69
CA PRO A 26 -1.32 -4.77 27.90
C PRO A 26 -0.31 -4.19 28.92
N GLN A 27 0.12 -5.05 29.85
CA GLN A 27 1.06 -4.69 30.92
C GLN A 27 2.49 -4.41 30.48
N VAL A 28 2.91 -4.85 29.29
CA VAL A 28 4.34 -4.77 28.92
C VAL A 28 4.66 -4.56 27.42
N ASP A 29 3.70 -4.83 26.57
CA ASP A 29 3.94 -4.76 25.16
C ASP A 29 3.81 -3.36 24.62
N GLU A 30 4.46 -3.11 23.48
CA GLU A 30 4.59 -1.77 22.89
C GLU A 30 4.09 -1.76 21.46
N ILE A 31 3.74 -0.57 21.00
CA ILE A 31 3.28 -0.36 19.67
C ILE A 31 4.53 -0.05 18.84
N ILE A 32 4.92 -0.93 17.92
CA ILE A 32 6.09 -0.69 17.08
C ILE A 32 5.78 -0.25 15.64
N GLU A 33 4.51 -0.30 15.28
CA GLU A 33 4.08 0.25 14.01
C GLU A 33 2.72 0.86 14.16
N ILE A 34 2.54 1.99 13.50
CA ILE A 34 1.23 2.59 13.30
C ILE A 34 0.94 2.83 11.82
N GLY A 35 -0.20 2.31 11.37
CA GLY A 35 -0.74 2.60 10.04
C GLY A 35 -2.14 3.20 10.11
N ALA A 36 -2.37 4.35 9.46
CA ALA A 36 -3.65 5.03 9.52
C ALA A 36 -4.05 5.69 8.19
N VAL A 37 -5.33 5.56 7.84
CA VAL A 37 -5.86 6.34 6.72
C VAL A 37 -7.02 7.21 7.18
N LYS A 38 -6.99 8.48 6.76
CA LYS A 38 -8.00 9.45 7.14
C LYS A 38 -8.97 9.57 5.99
N ILE A 39 -10.26 9.46 6.29
CA ILE A 39 -11.32 9.43 5.27
C ILE A 39 -12.33 10.56 5.48
N GLN A 40 -12.60 11.34 4.44
CA GLN A 40 -13.73 12.29 4.46
C GLN A 40 -14.52 12.27 3.14
N GLY A 41 -15.85 12.28 3.26
CA GLY A 41 -16.76 12.18 2.12
C GLY A 41 -16.41 10.99 1.23
N GLY A 42 -16.27 9.82 1.87
CA GLY A 42 -16.07 8.55 1.19
C GLY A 42 -14.76 8.50 0.43
N GLN A 43 -13.81 9.32 0.85
CA GLN A 43 -12.50 9.40 0.19
C GLN A 43 -11.29 9.58 1.14
N ILE A 44 -10.14 9.13 0.68
CA ILE A 44 -8.94 9.17 1.46
C ILE A 44 -8.28 10.55 1.34
N VAL A 45 -8.26 11.29 2.44
CA VAL A 45 -7.66 12.62 2.42
C VAL A 45 -6.21 12.64 2.88
N ASP A 46 -5.78 11.62 3.61
CA ASP A 46 -4.44 11.63 4.20
C ASP A 46 -4.06 10.29 4.80
N GLU A 47 -2.75 10.07 5.00
CA GLU A 47 -2.18 8.78 5.41
C GLU A 47 -1.10 9.01 6.43
N TYR A 48 -1.00 8.12 7.39
CA TYR A 48 0.03 8.22 8.41
C TYR A 48 0.69 6.86 8.51
N HIS A 49 2.02 6.82 8.64
CA HIS A 49 2.74 5.57 8.93
C HIS A 49 4.13 5.76 9.57
N THR A 50 4.36 5.13 10.73
CA THR A 50 5.72 5.00 11.21
C THR A 50 5.99 3.72 11.91
N LEU A 51 7.26 3.29 11.86
CA LEU A 51 7.82 2.39 12.86
C LEU A 51 8.14 3.21 14.11
N ILE A 52 8.25 2.54 15.25
CA ILE A 52 8.46 3.19 16.52
C ILE A 52 9.42 2.31 17.25
N LYS A 53 10.59 2.85 17.63
CA LYS A 53 11.57 2.16 18.49
C LYS A 53 11.09 1.95 19.94
N PRO A 54 10.97 0.69 20.36
CA PRO A 54 10.63 0.26 21.71
C PRO A 54 11.78 0.39 22.72
N SER A 55 11.45 0.70 23.99
CA SER A 55 12.41 0.68 25.10
C SER A 55 13.06 -0.66 25.25
N ARG A 56 12.34 -1.72 24.92
CA ARG A 56 12.74 -3.07 25.22
C ARG A 56 12.72 -3.75 23.87
N GLU A 57 13.83 -4.33 23.44
CA GLU A 57 13.98 -4.70 22.03
C GLU A 57 12.98 -5.77 21.57
N ILE A 58 12.71 -5.82 20.28
CA ILE A 58 11.80 -6.83 19.73
C ILE A 58 12.40 -8.25 19.78
N SER A 59 11.58 -9.23 20.18
CA SER A 59 11.99 -10.64 20.16
C SER A 59 12.02 -11.21 18.72
N ARG A 60 12.69 -12.35 18.51
CA ARG A 60 12.72 -13.01 17.21
C ARG A 60 11.35 -13.54 16.80
N LYS A 61 10.59 -14.04 17.79
CA LYS A 61 9.21 -14.46 17.57
C LYS A 61 8.38 -13.27 17.14
N SER A 62 8.69 -12.09 17.64
CA SER A 62 7.99 -10.89 17.19
C SER A 62 8.45 -10.47 15.79
N SER A 63 9.75 -10.57 15.52
CA SER A 63 10.31 -10.31 14.20
C SER A 63 9.67 -11.20 13.15
N GLU A 64 9.46 -12.47 13.47
CA GLU A 64 8.95 -13.43 12.50
C GLU A 64 7.50 -13.11 12.14
N ILE A 65 6.71 -12.76 13.16
CA ILE A 65 5.29 -12.50 12.98
C ILE A 65 4.97 -11.15 12.27
N THR A 66 5.71 -10.11 12.62
CA THR A 66 5.40 -8.76 12.16
C THR A 66 6.20 -8.37 10.95
N GLY A 67 7.35 -9.05 10.76
CA GLY A 67 8.31 -8.74 9.70
C GLY A 67 9.28 -7.64 10.08
N ILE A 68 9.14 -7.13 11.29
CA ILE A 68 9.93 -5.95 11.68
C ILE A 68 11.18 -6.42 12.43
N THR A 69 12.37 -5.96 12.02
CA THR A 69 13.64 -6.42 12.64
C THR A 69 14.19 -5.35 13.57
N GLN A 70 15.00 -5.79 14.54
CA GLN A 70 15.85 -4.90 15.38
C GLN A 70 16.57 -3.87 14.51
N GLU A 71 17.22 -4.33 13.44
CA GLU A 71 17.89 -3.43 12.50
C GLU A 71 16.95 -2.37 11.93
N MET A 72 15.75 -2.76 11.48
CA MET A 72 14.76 -1.76 10.98
C MET A 72 14.39 -0.70 12.01
N LEU A 73 14.54 -1.04 13.30
CA LEU A 73 14.09 -0.16 14.40
C LEU A 73 15.14 0.74 15.10
N GLU A 74 16.41 0.56 14.74
CA GLU A 74 17.54 1.28 15.36
C GLU A 74 17.41 2.81 15.32
N ASN A 75 17.20 3.31 14.11
CA ASN A 75 17.13 4.75 13.83
C ASN A 75 15.78 5.42 14.14
N LYS A 76 14.80 4.64 14.60
CA LYS A 76 13.45 5.17 14.64
C LYS A 76 13.18 5.96 15.90
N ARG A 77 12.17 6.81 15.85
CA ARG A 77 11.75 7.56 17.05
C ARG A 77 11.12 6.65 18.11
N SER A 78 10.93 7.22 19.28
CA SER A 78 10.38 6.49 20.38
C SER A 78 8.93 6.90 20.49
N ILE A 79 8.17 6.11 21.25
CA ILE A 79 6.78 6.41 21.57
C ILE A 79 6.54 7.84 22.04
N GLU A 80 7.48 8.35 22.83
CA GLU A 80 7.33 9.61 23.56
C GLU A 80 7.31 10.76 22.53
N GLU A 81 8.04 10.55 21.45
CA GLU A 81 8.05 11.42 20.28
C GLU A 81 6.78 11.33 19.43
N VAL A 82 6.34 10.10 19.15
CA VAL A 82 5.43 9.73 18.06
C VAL A 82 3.97 9.91 18.45
N LEU A 83 3.62 9.43 19.64
CA LEU A 83 2.27 9.59 20.14
C LEU A 83 1.65 10.98 19.93
N PRO A 84 2.37 12.06 20.32
CA PRO A 84 1.70 13.36 20.24
C PRO A 84 1.48 13.72 18.77
N GLU A 85 2.51 13.50 17.94
CA GLU A 85 2.37 13.72 16.52
C GLU A 85 1.15 12.99 16.03
N PHE A 86 1.14 11.67 16.23
CA PHE A 86 0.00 10.85 15.88
C PHE A 86 -1.31 11.29 16.52
N LEU A 87 -1.32 11.68 17.79
CA LEU A 87 -2.56 12.26 18.35
C LEU A 87 -3.00 13.53 17.66
N GLY A 88 -2.04 14.24 17.07
CA GLY A 88 -2.30 15.36 16.16
C GLY A 88 -2.99 14.95 14.87
N PHE A 89 -2.55 13.83 14.29
CA PHE A 89 -3.17 13.21 13.08
C PHE A 89 -4.60 12.76 13.35
N LEU A 90 -4.83 12.20 14.53
CA LEU A 90 -6.17 12.04 15.05
C LEU A 90 -6.57 13.42 15.53
N GLU A 91 -7.79 13.56 16.01
CA GLU A 91 -8.23 14.80 16.65
C GLU A 91 -9.50 15.13 15.94
N ASP A 92 -10.60 15.14 16.70
CA ASP A 92 -11.93 15.21 16.13
C ASP A 92 -12.40 13.78 15.85
N SER A 93 -11.62 13.11 14.97
CA SER A 93 -11.95 11.84 14.24
C SER A 93 -12.68 10.77 15.02
N ILE A 94 -13.57 10.06 14.32
CA ILE A 94 -14.08 8.80 14.82
C ILE A 94 -13.01 7.78 14.44
N ILE A 95 -12.62 6.89 15.33
CA ILE A 95 -11.68 5.85 14.91
C ILE A 95 -12.35 4.56 14.42
N VAL A 96 -11.80 4.03 13.35
CA VAL A 96 -12.30 2.79 12.79
C VAL A 96 -11.17 1.77 12.88
N ALA A 97 -11.48 0.56 13.33
CA ALA A 97 -10.48 -0.52 13.35
C ALA A 97 -11.15 -1.87 13.25
N HIS A 98 -10.40 -2.89 12.81
CA HIS A 98 -10.93 -4.27 12.76
C HIS A 98 -10.53 -4.98 14.05
N ASN A 99 -11.46 -5.73 14.66
CA ASN A 99 -11.23 -6.30 16.00
C ASN A 99 -10.75 -5.16 16.92
N ALA A 100 -11.60 -4.14 17.07
CA ALA A 100 -11.19 -2.85 17.61
C ALA A 100 -10.73 -2.86 19.06
N ASN A 101 -11.15 -3.86 19.83
CA ASN A 101 -10.86 -3.83 21.25
C ASN A 101 -9.39 -3.78 21.60
N PHE A 102 -8.61 -4.73 21.12
CA PHE A 102 -7.18 -4.74 21.36
C PHE A 102 -6.49 -3.42 21.04
N ASP A 103 -6.48 -3.05 19.77
CA ASP A 103 -5.84 -1.86 19.29
C ASP A 103 -6.30 -0.57 19.96
N TYR A 104 -7.59 -0.46 20.30
CA TYR A 104 -8.05 0.74 20.97
C TYR A 104 -7.50 0.78 22.37
N ARG A 105 -7.82 -0.22 23.16
CA ARG A 105 -7.24 -0.36 24.49
C ARG A 105 -5.76 -0.01 24.57
N PHE A 106 -4.98 -0.48 23.58
CA PHE A 106 -3.57 -0.24 23.53
C PHE A 106 -3.22 1.23 23.37
N LEU A 107 -3.79 1.86 22.35
CA LEU A 107 -3.74 3.31 22.22
C LEU A 107 -3.99 4.00 23.60
N ARG A 108 -5.14 3.71 24.20
CA ARG A 108 -5.56 4.37 25.40
C ARG A 108 -4.54 4.20 26.50
N LEU A 109 -4.23 2.95 26.79
CA LEU A 109 -3.22 2.55 27.75
C LEU A 109 -1.94 3.38 27.54
N TRP A 110 -1.47 3.54 26.31
CA TRP A 110 -0.19 4.24 26.08
C TRP A 110 -0.27 5.79 26.13
N ILE A 111 -1.41 6.37 25.81
CA ILE A 111 -1.64 7.80 26.01
C ILE A 111 -1.69 8.05 27.51
N LYS A 112 -2.22 7.10 28.26
CA LYS A 112 -2.25 7.21 29.70
C LYS A 112 -0.83 7.20 30.23
N LYS A 113 -0.01 6.31 29.68
CA LYS A 113 1.35 6.10 30.16
C LYS A 113 2.29 7.24 29.84
N VAL A 114 2.47 7.57 28.58
CA VAL A 114 3.50 8.55 28.24
C VAL A 114 3.07 10.00 28.45
N MET A 115 1.77 10.23 28.58
CA MET A 115 1.15 11.58 28.51
C MET A 115 0.23 11.96 29.69
N GLY A 116 -0.01 11.02 30.60
CA GLY A 116 -0.87 11.26 31.76
C GLY A 116 -2.33 11.54 31.48
N LEU A 117 -2.71 11.63 30.21
CA LEU A 117 -4.11 11.85 29.83
C LEU A 117 -5.02 10.63 30.00
N ASP A 118 -6.20 10.88 30.57
CA ASP A 118 -7.30 9.94 30.49
C ASP A 118 -8.01 10.30 29.18
N TRP A 119 -8.08 9.34 28.26
CA TRP A 119 -8.43 9.62 26.88
C TRP A 119 -9.41 8.62 26.36
N GLU A 120 -10.47 9.14 25.76
CA GLU A 120 -11.54 8.35 25.17
C GLU A 120 -11.90 8.90 23.80
N ARG A 121 -12.49 8.08 22.94
CA ARG A 121 -12.97 8.58 21.64
C ARG A 121 -13.86 7.50 21.06
N PRO A 122 -14.92 7.92 20.30
CA PRO A 122 -15.88 6.92 19.80
C PRO A 122 -15.15 6.11 18.78
N TYR A 123 -15.61 4.89 18.48
CA TYR A 123 -14.93 4.13 17.47
C TYR A 123 -15.85 3.12 16.82
N ILE A 124 -15.64 2.84 15.55
CA ILE A 124 -16.36 1.76 14.87
C ILE A 124 -15.45 0.54 14.68
N ASP A 125 -16.03 -0.64 14.89
CA ASP A 125 -15.33 -1.88 14.67
C ASP A 125 -15.92 -2.61 13.44
N THR A 126 -15.14 -2.70 12.38
CA THR A 126 -15.57 -3.32 11.14
C THR A 126 -15.80 -4.81 11.34
N LEU A 127 -15.29 -5.35 12.46
CA LEU A 127 -15.55 -6.76 12.76
C LEU A 127 -16.98 -6.95 13.32
N ALA A 128 -17.40 -6.09 14.24
CA ALA A 128 -18.83 -5.94 14.59
C ALA A 128 -19.72 -5.68 13.36
N LEU A 129 -19.33 -4.81 12.45
CA LEU A 129 -20.18 -4.61 11.28
C LEU A 129 -20.34 -5.90 10.43
N ALA A 130 -19.29 -6.73 10.36
CA ALA A 130 -19.30 -7.85 9.42
C ALA A 130 -20.24 -8.87 10.02
N LYS A 131 -20.34 -8.80 11.33
CA LYS A 131 -21.11 -9.72 12.10
C LYS A 131 -22.60 -9.43 11.85
N SER A 132 -23.00 -8.15 11.79
CA SER A 132 -24.40 -7.85 11.52
C SER A 132 -24.70 -8.22 10.10
N LEU A 133 -23.71 -8.01 9.25
CA LEU A 133 -23.93 -7.98 7.82
C LEU A 133 -23.60 -9.23 7.06
N LEU A 134 -22.97 -10.24 7.66
CA LEU A 134 -22.42 -11.30 6.75
C LEU A 134 -22.55 -12.81 7.09
N LYS A 135 -22.27 -13.22 8.31
CA LYS A 135 -22.43 -14.67 8.58
C LYS A 135 -21.33 -15.53 7.92
N LEU A 136 -20.21 -15.63 8.60
CA LEU A 136 -19.07 -16.38 8.06
C LEU A 136 -18.62 -17.36 9.12
N ARG A 137 -17.69 -18.24 8.75
CA ARG A 137 -17.09 -19.16 9.72
C ARG A 137 -15.95 -18.44 10.48
N SER A 138 -15.45 -17.34 9.89
CA SER A 138 -14.35 -16.53 10.46
C SER A 138 -14.66 -15.04 10.31
N TYR A 139 -14.12 -14.19 11.18
CA TYR A 139 -14.37 -12.74 11.07
C TYR A 139 -13.08 -11.93 11.06
N SER A 140 -11.99 -12.65 10.84
CA SER A 140 -10.70 -12.09 10.50
C SER A 140 -10.88 -11.26 9.26
N LEU A 141 -10.07 -10.23 9.14
CA LEU A 141 -10.07 -9.37 7.99
C LEU A 141 -9.92 -10.12 6.70
N ASP A 142 -9.14 -11.20 6.73
CA ASP A 142 -8.94 -12.05 5.56
C ASP A 142 -10.24 -12.71 5.15
N SER A 143 -11.05 -13.20 6.07
CA SER A 143 -12.23 -13.88 5.57
C SER A 143 -13.26 -12.83 5.08
N VAL A 144 -13.45 -11.76 5.85
CA VAL A 144 -14.31 -10.60 5.42
C VAL A 144 -13.94 -9.95 4.09
N VAL A 145 -12.67 -9.57 3.90
CA VAL A 145 -12.17 -9.20 2.55
C VAL A 145 -12.51 -10.18 1.41
N GLU A 146 -12.33 -11.48 1.62
CA GLU A 146 -12.64 -12.47 0.56
C GLU A 146 -14.11 -12.36 0.18
N LYS A 147 -14.96 -12.42 1.22
CA LYS A 147 -16.41 -12.36 1.12
C LYS A 147 -16.92 -11.17 0.34
N LEU A 148 -16.58 -9.95 0.78
CA LEU A 148 -16.96 -8.69 0.10
C LEU A 148 -16.28 -8.49 -1.25
N GLY A 149 -15.43 -9.43 -1.65
CA GLY A 149 -14.86 -9.33 -3.00
C GLY A 149 -13.83 -8.23 -3.15
N LEU A 150 -13.07 -7.94 -2.09
CA LEU A 150 -12.15 -6.81 -2.16
C LEU A 150 -10.70 -7.25 -2.24
N GLY A 151 -10.47 -8.55 -2.37
CA GLY A 151 -9.13 -9.09 -2.49
C GLY A 151 -8.57 -8.76 -3.86
N PRO A 152 -7.41 -9.36 -4.23
CA PRO A 152 -6.70 -10.34 -3.39
C PRO A 152 -5.92 -9.65 -2.28
N PHE A 153 -6.09 -10.21 -1.09
CA PHE A 153 -5.55 -9.70 0.16
C PHE A 153 -4.02 -9.60 0.17
N ARG A 154 -3.49 -8.37 0.06
CA ARG A 154 -2.04 -8.10 0.19
C ARG A 154 -1.20 -8.62 -1.01
N HIS A 155 -1.77 -8.55 -2.22
CA HIS A 155 -0.99 -8.67 -3.41
C HIS A 155 -0.84 -7.27 -3.90
N HIS A 156 0.39 -6.82 -3.95
CA HIS A 156 0.67 -5.53 -4.55
C HIS A 156 2.15 -5.54 -4.96
N ARG A 157 2.51 -6.57 -5.72
CA ARG A 157 3.87 -6.84 -6.18
C ARG A 157 4.43 -5.68 -7.04
N ALA A 158 3.63 -5.19 -7.98
CA ALA A 158 3.91 -3.95 -8.74
C ALA A 158 4.17 -2.70 -7.89
N LEU A 159 3.44 -2.48 -6.82
CA LEU A 159 3.84 -1.39 -5.92
C LEU A 159 5.20 -1.73 -5.30
N ASP A 160 5.31 -2.96 -4.81
CA ASP A 160 6.58 -3.44 -4.26
C ASP A 160 7.72 -3.17 -5.22
N ASP A 161 7.64 -3.65 -6.47
CA ASP A 161 8.74 -3.39 -7.45
C ASP A 161 8.99 -1.90 -7.73
N ALA A 162 7.92 -1.10 -7.58
CA ALA A 162 8.05 0.31 -7.80
C ALA A 162 8.70 0.94 -6.60
N ARG A 163 8.43 0.43 -5.42
CA ARG A 163 9.10 0.96 -4.26
C ARG A 163 10.61 0.61 -4.26
N VAL A 164 10.94 -0.60 -4.71
CA VAL A 164 12.32 -1.02 -4.88
C VAL A 164 13.02 -0.15 -5.95
N THR A 165 12.44 -0.04 -7.15
CA THR A 165 13.00 0.86 -8.14
C THR A 165 13.19 2.30 -7.65
N ALA A 166 12.21 2.83 -6.88
CA ALA A 166 12.34 4.18 -6.31
C ALA A 166 13.62 4.28 -5.51
N GLN A 167 13.89 3.27 -4.69
CA GLN A 167 15.07 3.29 -3.89
C GLN A 167 16.39 3.13 -4.67
N VAL A 168 16.36 2.44 -5.81
CA VAL A 168 17.54 2.40 -6.67
C VAL A 168 17.71 3.79 -7.29
N PHE A 169 16.60 4.36 -7.75
CA PHE A 169 16.59 5.71 -8.23
C PHE A 169 17.16 6.65 -7.15
N LEU A 170 16.50 6.77 -6.01
CA LEU A 170 17.06 7.65 -4.95
C LEU A 170 18.57 7.44 -4.75
N ARG A 171 19.02 6.19 -4.81
CA ARG A 171 20.42 5.91 -4.51
C ARG A 171 21.36 6.49 -5.58
N PHE A 172 21.09 6.17 -6.84
CA PHE A 172 21.82 6.72 -7.98
C PHE A 172 21.87 8.22 -7.93
N VAL A 173 20.71 8.88 -7.79
CA VAL A 173 20.68 10.36 -7.89
C VAL A 173 21.09 11.03 -6.60
N GLU A 174 21.63 10.23 -5.69
CA GLU A 174 22.41 10.73 -4.55
C GLU A 174 23.88 10.34 -4.78
N MET A 175 24.11 9.21 -5.48
CA MET A 175 25.44 8.74 -6.02
C MET A 175 25.90 9.64 -7.20
N MET A 176 27.11 9.44 -7.75
CA MET A 176 28.04 8.32 -7.48
C MET A 176 29.02 8.40 -6.26
N THR B 13 9.15 16.66 -9.38
CA THR B 13 8.49 15.36 -8.92
C THR B 13 8.50 14.19 -9.92
N PHE B 14 8.68 12.99 -9.39
CA PHE B 14 8.81 11.79 -10.23
C PHE B 14 7.82 10.73 -9.85
N VAL B 15 7.32 10.02 -10.85
CA VAL B 15 6.58 8.81 -10.59
C VAL B 15 7.32 7.58 -11.13
N VAL B 16 7.59 6.68 -10.19
CA VAL B 16 8.28 5.42 -10.43
C VAL B 16 7.21 4.36 -10.64
N LEU B 17 7.31 3.66 -11.74
CA LEU B 17 6.23 2.96 -12.33
C LEU B 17 6.61 1.48 -12.45
N ASP B 18 5.63 0.60 -12.33
CA ASP B 18 5.83 -0.77 -12.75
C ASP B 18 4.46 -1.32 -13.12
N PHE B 19 4.35 -1.88 -14.32
CA PHE B 19 3.14 -2.51 -14.83
C PHE B 19 3.24 -4.00 -14.83
N GLU B 20 2.08 -4.62 -14.74
CA GLU B 20 1.86 -5.97 -15.22
C GLU B 20 1.00 -5.97 -16.46
N THR B 21 1.27 -6.95 -17.30
CA THR B 21 0.88 -6.91 -18.67
C THR B 21 0.34 -8.28 -19.08
N THR B 22 -0.44 -8.27 -20.14
CA THR B 22 -1.10 -9.44 -20.67
C THR B 22 -0.18 -10.22 -21.63
N GLY B 23 0.88 -9.54 -22.12
CA GLY B 23 1.91 -10.18 -22.95
C GLY B 23 2.83 -9.10 -23.49
N LEU B 24 3.85 -9.51 -24.24
CA LEU B 24 4.88 -8.58 -24.73
C LEU B 24 4.46 -7.58 -25.86
N ASP B 25 3.24 -7.70 -26.41
CA ASP B 25 2.84 -6.86 -27.55
C ASP B 25 1.99 -5.62 -27.20
N PRO B 26 2.57 -4.44 -27.23
CA PRO B 26 1.86 -3.24 -26.78
C PRO B 26 0.81 -2.73 -27.74
N GLN B 27 0.60 -3.41 -28.85
CA GLN B 27 -0.50 -3.02 -29.72
C GLN B 27 -1.76 -3.67 -29.18
N VAL B 28 -1.72 -5.00 -29.10
CA VAL B 28 -2.92 -5.82 -28.87
C VAL B 28 -3.22 -6.16 -27.39
N ASP B 29 -2.21 -6.19 -26.52
CA ASP B 29 -2.48 -6.66 -25.20
C ASP B 29 -2.40 -5.61 -24.09
N GLU B 30 -2.86 -5.99 -22.91
CA GLU B 30 -3.44 -5.01 -21.99
C GLU B 30 -2.70 -4.90 -20.64
N ILE B 31 -2.86 -3.77 -19.96
CA ILE B 31 -2.23 -3.52 -18.67
C ILE B 31 -3.18 -4.08 -17.62
N ILE B 32 -2.79 -5.15 -16.93
CA ILE B 32 -3.61 -5.74 -15.86
C ILE B 32 -3.19 -5.37 -14.41
N GLU B 33 -2.00 -4.78 -14.24
CA GLU B 33 -1.57 -4.27 -12.94
C GLU B 33 -0.70 -3.00 -13.09
N ILE B 34 -1.01 -1.98 -12.28
CA ILE B 34 -0.19 -0.78 -12.16
C ILE B 34 0.22 -0.55 -10.73
N GLY B 35 1.51 -0.32 -10.48
CA GLY B 35 1.93 0.13 -9.15
C GLY B 35 2.79 1.35 -9.34
N ALA B 36 2.75 2.28 -8.38
CA ALA B 36 3.55 3.53 -8.45
C ALA B 36 3.88 4.27 -7.12
N VAL B 37 5.04 4.89 -7.09
CA VAL B 37 5.40 5.72 -5.97
C VAL B 37 5.78 7.12 -6.47
N LYS B 38 5.21 8.14 -5.83
CA LYS B 38 5.53 9.54 -6.07
C LYS B 38 6.68 10.05 -5.17
N ILE B 39 7.71 10.60 -5.80
CA ILE B 39 8.83 11.19 -5.03
C ILE B 39 8.87 12.72 -5.20
N GLN B 40 9.10 13.43 -4.11
CA GLN B 40 9.59 14.81 -4.12
C GLN B 40 10.49 14.95 -2.92
N GLY B 41 11.40 15.93 -2.96
CA GLY B 41 12.29 16.18 -1.83
C GLY B 41 13.17 14.98 -1.56
N GLY B 42 13.31 14.11 -2.57
CA GLY B 42 13.98 12.82 -2.40
C GLY B 42 13.28 11.92 -1.39
N GLN B 43 11.95 11.92 -1.46
CA GLN B 43 11.13 11.29 -0.44
C GLN B 43 9.91 10.71 -1.11
N ILE B 44 9.55 9.50 -0.72
CA ILE B 44 8.31 8.88 -1.17
C ILE B 44 7.20 9.58 -0.39
N VAL B 45 6.17 9.98 -1.12
CA VAL B 45 5.23 10.96 -0.65
C VAL B 45 3.82 10.46 -0.88
N ASP B 46 3.59 9.68 -1.94
CA ASP B 46 2.52 8.67 -1.89
C ASP B 46 2.54 7.58 -2.95
N GLU B 47 1.42 6.89 -3.10
CA GLU B 47 1.41 5.56 -3.70
C GLU B 47 0.18 5.32 -4.50
N TYR B 48 0.31 4.46 -5.49
CA TYR B 48 -0.80 4.07 -6.33
C TYR B 48 -0.61 2.58 -6.65
N HIS B 49 -1.66 1.81 -6.42
CA HIS B 49 -1.74 0.43 -6.90
C HIS B 49 -3.17 0.05 -7.31
N THR B 50 -3.36 -0.49 -8.52
CA THR B 50 -4.56 -1.27 -8.85
C THR B 50 -4.37 -2.40 -9.79
N LEU B 51 -5.35 -3.31 -9.68
CA LEU B 51 -5.56 -4.36 -10.64
C LEU B 51 -6.57 -3.86 -11.66
N ILE B 52 -6.44 -4.35 -12.89
CA ILE B 52 -7.25 -3.86 -13.98
C ILE B 52 -7.82 -5.03 -14.74
N LYS B 53 -9.14 -5.10 -14.82
CA LYS B 53 -9.78 -6.15 -15.63
C LYS B 53 -9.69 -6.00 -17.16
N PRO B 54 -9.08 -6.97 -17.87
CA PRO B 54 -8.88 -6.95 -19.30
C PRO B 54 -10.15 -7.34 -20.06
N SER B 55 -10.39 -6.80 -21.26
CA SER B 55 -11.69 -7.08 -21.92
C SER B 55 -11.61 -8.49 -22.49
N ARG B 56 -10.41 -8.83 -23.00
CA ARG B 56 -10.01 -10.20 -23.26
C ARG B 56 -9.58 -10.83 -21.94
N GLU B 57 -10.23 -11.94 -21.60
CA GLU B 57 -9.83 -12.65 -20.41
C GLU B 57 -8.46 -13.35 -20.58
N ILE B 58 -7.80 -13.67 -19.45
CA ILE B 58 -6.37 -14.00 -19.44
C ILE B 58 -6.08 -15.48 -19.72
N SER B 59 -5.22 -15.72 -20.68
CA SER B 59 -4.80 -17.09 -21.02
C SER B 59 -4.08 -17.84 -19.88
N ARG B 60 -4.22 -19.17 -19.88
CA ARG B 60 -3.44 -20.07 -19.02
C ARG B 60 -1.96 -19.66 -18.99
N LYS B 61 -1.38 -19.32 -20.14
CA LYS B 61 0.04 -18.97 -20.16
C LYS B 61 0.34 -17.69 -19.35
N SER B 62 -0.42 -16.62 -19.61
CA SER B 62 -0.38 -15.37 -18.82
C SER B 62 -0.40 -15.54 -17.30
N SER B 63 -1.41 -16.22 -16.79
CA SER B 63 -1.49 -16.41 -15.38
C SER B 63 -0.24 -17.10 -14.97
N GLU B 64 0.11 -18.17 -15.67
CA GLU B 64 1.37 -18.87 -15.37
C GLU B 64 2.59 -18.01 -15.19
N ILE B 65 2.83 -17.07 -16.10
CA ILE B 65 3.97 -16.14 -15.98
C ILE B 65 3.75 -15.06 -14.90
N THR B 66 2.58 -14.43 -14.90
CA THR B 66 2.35 -13.28 -14.02
C THR B 66 2.01 -13.70 -12.59
N GLY B 67 1.32 -14.82 -12.42
CA GLY B 67 0.84 -15.16 -11.11
C GLY B 67 -0.55 -14.61 -10.91
N ILE B 68 -1.00 -13.83 -11.90
CA ILE B 68 -2.30 -13.18 -11.84
C ILE B 68 -3.38 -14.04 -12.54
N THR B 69 -4.41 -14.44 -11.82
CA THR B 69 -5.49 -15.20 -12.39
C THR B 69 -6.79 -14.40 -12.70
N GLN B 70 -7.59 -14.92 -13.61
CA GLN B 70 -8.92 -14.42 -13.89
C GLN B 70 -9.77 -14.04 -12.62
N GLU B 71 -9.66 -14.84 -11.57
CA GLU B 71 -10.41 -14.61 -10.38
C GLU B 71 -9.99 -13.29 -9.68
N MET B 72 -8.68 -12.99 -9.64
CA MET B 72 -8.21 -11.75 -9.03
C MET B 72 -8.70 -10.50 -9.78
N LEU B 73 -9.02 -10.62 -11.08
CA LEU B 73 -9.34 -9.49 -11.92
C LEU B 73 -10.82 -9.36 -12.14
N GLU B 74 -11.52 -10.50 -12.01
CA GLU B 74 -12.95 -10.65 -12.23
C GLU B 74 -13.81 -9.53 -11.66
N ASN B 75 -13.45 -8.98 -10.54
CA ASN B 75 -14.31 -7.97 -10.01
C ASN B 75 -13.72 -6.56 -10.16
N LYS B 76 -12.67 -6.39 -10.98
CA LYS B 76 -11.97 -5.10 -10.99
C LYS B 76 -12.32 -4.19 -12.17
N ARG B 77 -12.08 -2.88 -11.99
CA ARG B 77 -12.37 -1.84 -13.01
C ARG B 77 -11.73 -2.12 -14.38
N SER B 78 -11.98 -1.26 -15.36
CA SER B 78 -11.32 -1.31 -16.70
C SER B 78 -10.32 -0.19 -16.89
N ILE B 79 -9.50 -0.29 -17.93
CA ILE B 79 -8.55 0.80 -18.17
C ILE B 79 -9.30 2.06 -18.51
N GLU B 80 -10.45 1.92 -19.17
CA GLU B 80 -11.35 3.05 -19.43
C GLU B 80 -11.59 3.83 -18.14
N GLU B 81 -11.75 3.14 -17.01
CA GLU B 81 -11.96 3.84 -15.72
C GLU B 81 -10.69 4.06 -14.90
N VAL B 82 -9.70 3.17 -15.06
CA VAL B 82 -8.44 3.31 -14.31
C VAL B 82 -7.48 4.30 -14.93
N LEU B 83 -7.32 4.27 -16.26
CA LEU B 83 -6.39 5.22 -16.91
C LEU B 83 -6.56 6.69 -16.49
N PRO B 84 -7.79 7.27 -16.57
CA PRO B 84 -7.91 8.67 -16.15
C PRO B 84 -7.48 8.87 -14.72
N GLU B 85 -7.77 7.89 -13.88
CA GLU B 85 -7.34 7.97 -12.50
C GLU B 85 -5.82 7.92 -12.34
N PHE B 86 -5.15 7.11 -13.15
CA PHE B 86 -3.68 7.01 -13.00
C PHE B 86 -3.00 8.30 -13.49
N LEU B 87 -3.47 8.80 -14.62
CA LEU B 87 -3.09 10.11 -15.20
C LEU B 87 -3.19 11.27 -14.26
N GLY B 88 -4.21 11.26 -13.40
CA GLY B 88 -4.41 12.29 -12.39
C GLY B 88 -3.42 12.10 -11.26
N PHE B 89 -2.97 10.86 -11.07
CA PHE B 89 -1.79 10.57 -10.22
C PHE B 89 -0.46 11.16 -10.75
N LEU B 90 -0.25 11.24 -12.07
CA LEU B 90 0.88 12.05 -12.62
C LEU B 90 0.49 13.49 -13.00
N GLU B 91 0.18 13.65 -14.29
CA GLU B 91 0.26 14.93 -14.93
C GLU B 91 1.69 15.38 -14.80
N ASP B 92 2.03 16.19 -13.79
CA ASP B 92 3.31 16.94 -13.92
C ASP B 92 4.59 16.07 -14.12
N SER B 93 4.50 14.77 -13.87
CA SER B 93 5.65 14.01 -13.34
C SER B 93 6.65 13.39 -14.35
N ILE B 94 7.95 13.50 -14.05
CA ILE B 94 8.94 12.68 -14.79
C ILE B 94 8.69 11.21 -14.43
N ILE B 95 8.43 10.38 -15.43
CA ILE B 95 8.37 8.94 -15.24
C ILE B 95 9.75 8.28 -14.98
N VAL B 96 9.75 7.26 -14.13
CA VAL B 96 10.93 6.48 -13.75
C VAL B 96 10.47 5.03 -13.71
N ALA B 97 11.17 4.13 -14.36
CA ALA B 97 10.84 2.72 -14.36
C ALA B 97 12.14 2.00 -14.59
N HIS B 98 12.24 0.74 -14.18
CA HIS B 98 13.33 -0.13 -14.63
C HIS B 98 13.06 -0.62 -16.03
N ASN B 99 13.90 -0.22 -16.98
CA ASN B 99 13.69 -0.60 -18.42
C ASN B 99 12.44 0.09 -18.90
N ALA B 100 12.43 1.41 -18.79
CA ALA B 100 11.19 2.17 -18.88
C ALA B 100 10.60 2.13 -20.26
N ASN B 101 11.41 1.75 -21.23
CA ASN B 101 11.00 1.77 -22.61
C ASN B 101 9.72 1.00 -22.92
N PHE B 102 9.56 -0.11 -22.19
CA PHE B 102 8.53 -1.11 -22.35
C PHE B 102 7.25 -0.66 -21.67
N ASP B 103 7.35 -0.23 -20.42
CA ASP B 103 6.17 0.16 -19.70
C ASP B 103 5.65 1.38 -20.40
N TYR B 104 6.58 2.25 -20.80
CA TYR B 104 6.27 3.52 -21.40
C TYR B 104 5.55 3.35 -22.72
N ARG B 105 6.09 2.50 -23.58
CA ARG B 105 5.37 2.11 -24.80
C ARG B 105 3.93 1.81 -24.42
N PHE B 106 3.71 0.80 -23.55
CA PHE B 106 2.37 0.39 -23.16
C PHE B 106 1.56 1.58 -22.67
N LEU B 107 2.17 2.47 -21.91
CA LEU B 107 1.42 3.59 -21.39
C LEU B 107 0.84 4.49 -22.51
N ARG B 108 1.71 5.03 -23.38
CA ARG B 108 1.24 6.01 -24.37
C ARG B 108 0.29 5.38 -25.41
N LEU B 109 0.52 4.13 -25.79
CA LEU B 109 -0.44 3.42 -26.61
C LEU B 109 -1.86 3.42 -26.03
N TRP B 110 -1.96 3.22 -24.72
CA TRP B 110 -3.25 3.01 -24.10
C TRP B 110 -3.88 4.32 -23.75
N ILE B 111 -3.08 5.37 -23.74
CA ILE B 111 -3.67 6.69 -23.59
C ILE B 111 -4.35 7.05 -24.91
N LYS B 112 -3.70 6.71 -26.01
CA LYS B 112 -4.23 6.89 -27.36
C LYS B 112 -5.54 6.12 -27.46
N LYS B 113 -5.41 4.81 -27.58
CA LYS B 113 -6.48 3.81 -27.78
C LYS B 113 -7.80 4.07 -27.06
N VAL B 114 -7.74 4.57 -25.81
CA VAL B 114 -8.94 4.84 -25.01
C VAL B 114 -9.22 6.31 -24.73
N MET B 115 -8.19 7.13 -24.58
CA MET B 115 -8.43 8.51 -24.19
C MET B 115 -8.34 9.47 -25.40
N GLY B 116 -8.04 8.92 -26.59
CA GLY B 116 -7.88 9.72 -27.81
C GLY B 116 -6.53 10.43 -27.92
N LEU B 117 -6.08 10.97 -26.79
CA LEU B 117 -4.84 11.77 -26.64
C LEU B 117 -3.56 11.24 -27.33
N ASP B 118 -2.76 12.20 -27.78
CA ASP B 118 -1.40 11.98 -28.20
C ASP B 118 -0.61 12.40 -26.96
N TRP B 119 0.18 11.47 -26.42
CA TRP B 119 0.81 11.68 -25.11
C TRP B 119 2.32 11.42 -25.13
N GLU B 120 3.09 12.28 -24.44
CA GLU B 120 4.53 12.12 -24.30
C GLU B 120 4.97 12.70 -22.98
N ARG B 121 5.91 12.04 -22.31
CA ARG B 121 6.45 12.56 -21.04
C ARG B 121 7.87 12.03 -20.89
N PRO B 122 8.78 12.85 -20.37
CA PRO B 122 10.17 12.39 -20.25
C PRO B 122 10.37 11.35 -19.13
N TYR B 123 11.19 10.33 -19.39
CA TYR B 123 11.39 9.30 -18.39
C TYR B 123 12.85 9.06 -18.07
N ILE B 124 13.10 8.55 -16.85
CA ILE B 124 14.43 8.11 -16.46
C ILE B 124 14.42 6.58 -16.33
N ASP B 125 15.31 5.92 -17.06
CA ASP B 125 15.34 4.49 -17.12
C ASP B 125 16.45 3.98 -16.21
N THR B 126 16.10 3.60 -14.97
CA THR B 126 17.08 2.99 -14.05
C THR B 126 17.96 1.89 -14.71
N LEU B 127 17.43 1.15 -15.67
CA LEU B 127 18.28 0.10 -16.30
C LEU B 127 19.48 0.79 -16.98
N ALA B 128 19.15 1.68 -17.91
CA ALA B 128 20.16 2.48 -18.63
C ALA B 128 21.05 3.29 -17.69
N LEU B 129 20.47 3.99 -16.70
CA LEU B 129 21.32 4.68 -15.74
C LEU B 129 22.27 3.67 -15.10
N ALA B 130 21.78 2.55 -14.61
CA ALA B 130 22.65 1.61 -13.90
C ALA B 130 23.82 1.11 -14.77
N LYS B 131 23.63 1.00 -16.08
CA LYS B 131 24.73 0.69 -17.01
C LYS B 131 25.81 1.77 -17.08
N SER B 132 25.45 2.98 -16.68
CA SER B 132 26.35 4.16 -16.70
C SER B 132 27.15 4.21 -15.45
N LEU B 133 26.57 3.73 -14.36
CA LEU B 133 27.17 3.89 -13.07
C LEU B 133 27.80 2.65 -12.48
N LEU B 134 27.46 1.44 -12.97
CA LEU B 134 27.79 0.23 -12.21
C LEU B 134 28.87 -0.80 -12.55
N LYS B 135 28.91 -1.35 -13.77
CA LYS B 135 29.87 -2.47 -14.04
C LYS B 135 29.29 -3.69 -13.42
N LEU B 136 28.49 -4.37 -14.19
CA LEU B 136 27.73 -5.47 -13.68
C LEU B 136 27.61 -6.35 -14.90
N ARG B 137 27.02 -7.53 -14.79
CA ARG B 137 26.97 -8.39 -15.97
C ARG B 137 25.53 -8.67 -16.42
N SER B 138 24.62 -8.71 -15.45
CA SER B 138 23.15 -8.64 -15.67
C SER B 138 22.71 -7.29 -15.07
N TYR B 139 21.74 -6.61 -15.67
CA TYR B 139 21.33 -5.33 -15.08
C TYR B 139 19.88 -5.33 -14.52
N SER B 140 19.39 -6.56 -14.26
CA SER B 140 18.17 -6.83 -13.48
C SER B 140 17.99 -5.89 -12.33
N LEU B 141 16.76 -5.75 -11.87
CA LEU B 141 16.50 -5.00 -10.64
C LEU B 141 17.19 -5.69 -9.45
N ASP B 142 17.09 -7.02 -9.40
CA ASP B 142 17.76 -7.84 -8.34
C ASP B 142 19.29 -7.68 -8.33
N SER B 143 19.95 -7.63 -9.51
CA SER B 143 21.41 -7.43 -9.51
C SER B 143 21.88 -6.06 -9.05
N VAL B 144 21.22 -5.00 -9.53
CA VAL B 144 21.61 -3.66 -9.05
C VAL B 144 21.25 -3.44 -7.58
N VAL B 145 20.13 -4.00 -7.12
CA VAL B 145 19.80 -4.05 -5.68
C VAL B 145 20.91 -4.69 -4.82
N GLU B 146 21.32 -5.93 -5.12
CA GLU B 146 22.45 -6.47 -4.36
C GLU B 146 23.71 -5.64 -4.58
N LYS B 147 24.01 -5.29 -5.84
CA LYS B 147 25.24 -4.55 -6.12
C LYS B 147 25.34 -3.26 -5.32
N LEU B 148 24.24 -2.51 -5.25
CA LEU B 148 24.17 -1.34 -4.39
C LEU B 148 24.14 -1.59 -2.87
N GLY B 149 23.97 -2.85 -2.46
CA GLY B 149 23.89 -3.20 -1.03
C GLY B 149 22.68 -2.55 -0.35
N LEU B 150 21.68 -2.18 -1.14
CA LEU B 150 20.45 -1.58 -0.62
C LEU B 150 19.76 -2.70 0.11
N GLY B 151 18.66 -2.38 0.77
CA GLY B 151 17.81 -3.47 1.17
C GLY B 151 17.56 -3.73 2.62
N PRO B 152 17.29 -5.01 2.93
CA PRO B 152 16.01 -5.44 3.47
C PRO B 152 14.87 -4.44 3.34
N PHE B 153 13.85 -4.88 2.58
CA PHE B 153 12.63 -4.11 2.36
C PHE B 153 11.52 -4.80 3.08
N ARG B 154 10.61 -4.02 3.61
CA ARG B 154 9.41 -4.58 4.17
C ARG B 154 8.17 -3.98 3.45
N HIS B 155 7.60 -4.74 2.52
CA HIS B 155 6.54 -4.24 1.62
C HIS B 155 5.11 -4.26 2.18
N HIS B 156 4.81 -5.25 3.00
CA HIS B 156 3.50 -5.35 3.64
C HIS B 156 3.55 -4.68 5.01
N ARG B 157 2.82 -3.60 5.18
CA ARG B 157 2.89 -2.95 6.46
C ARG B 157 1.54 -2.60 7.08
N ALA B 158 1.59 -1.99 8.26
CA ALA B 158 0.35 -1.68 8.96
C ALA B 158 -0.53 -0.87 8.05
N LEU B 159 0.10 -0.06 7.20
CA LEU B 159 -0.62 0.89 6.33
C LEU B 159 -1.48 0.20 5.24
N ASP B 160 -0.91 -0.79 4.56
CA ASP B 160 -1.61 -1.63 3.59
C ASP B 160 -2.82 -2.32 4.15
N ASP B 161 -2.70 -2.79 5.40
CA ASP B 161 -3.85 -3.27 6.15
C ASP B 161 -4.85 -2.19 6.51
N ALA B 162 -4.42 -1.03 6.99
CA ALA B 162 -5.33 0.10 7.19
C ALA B 162 -6.11 0.41 5.93
N ARG B 163 -5.46 0.29 4.76
CA ARG B 163 -6.07 0.61 3.46
C ARG B 163 -7.09 -0.40 3.07
N VAL B 164 -6.90 -1.66 3.41
CA VAL B 164 -7.94 -2.59 3.06
C VAL B 164 -9.08 -2.53 4.02
N THR B 165 -8.81 -2.34 5.31
CA THR B 165 -9.92 -2.26 6.24
C THR B 165 -10.73 -1.03 5.94
N ALA B 166 -10.14 -0.08 5.25
CA ALA B 166 -10.83 1.13 4.93
C ALA B 166 -11.78 0.90 3.77
N GLN B 167 -11.38 0.10 2.80
CA GLN B 167 -12.28 -0.31 1.73
C GLN B 167 -13.41 -1.09 2.41
N VAL B 168 -13.05 -2.10 3.23
CA VAL B 168 -14.05 -2.83 4.00
C VAL B 168 -15.10 -1.90 4.66
N PHE B 169 -14.67 -0.90 5.42
CA PHE B 169 -15.55 0.12 6.02
C PHE B 169 -16.43 0.75 4.95
N LEU B 170 -15.83 1.48 4.03
CA LEU B 170 -16.50 2.05 2.83
C LEU B 170 -17.54 1.16 2.24
N ARG B 171 -17.17 -0.08 1.96
CA ARG B 171 -18.12 -1.00 1.42
C ARG B 171 -19.30 -1.24 2.38
N PHE B 172 -19.03 -1.38 3.69
CA PHE B 172 -20.14 -1.60 4.64
C PHE B 172 -21.12 -0.44 4.60
N VAL B 173 -20.60 0.79 4.55
CA VAL B 173 -21.48 1.97 4.62
C VAL B 173 -22.34 2.14 3.36
N GLU B 174 -21.86 1.69 2.20
CA GLU B 174 -22.70 1.68 1.01
C GLU B 174 -23.81 0.64 1.26
N MET B 175 -23.41 -0.54 1.74
CA MET B 175 -24.32 -1.64 2.07
C MET B 175 -25.42 -1.25 3.09
N MET B 176 -25.10 -0.41 4.05
CA MET B 176 -26.10 0.00 5.04
C MET B 176 -26.95 1.20 4.64
N LYS B 177 -26.66 1.81 3.49
CA LYS B 177 -27.49 2.88 2.94
C LYS B 177 -28.76 2.38 2.21
N LYS B 178 -28.85 1.08 1.96
CA LYS B 178 -30.06 0.48 1.41
C LYS B 178 -31.00 0.05 2.55
N GLU B 179 -32.22 0.58 2.57
CA GLU B 179 -33.23 0.18 3.56
C GLU B 179 -33.44 -1.36 3.63
N GLY B 180 -33.48 -1.91 4.84
CA GLY B 180 -33.63 -3.36 5.05
C GLY B 180 -32.44 -4.21 4.61
N HIS B 181 -31.25 -3.61 4.65
CA HIS B 181 -29.96 -4.30 4.52
C HIS B 181 -29.76 -5.46 5.49
N HIS B 182 -30.44 -5.41 6.66
CA HIS B 182 -30.32 -6.46 7.65
C HIS B 182 -30.93 -7.83 7.31
N HIS B 183 -31.67 -7.94 6.21
CA HIS B 183 -32.35 -9.20 5.88
C HIS B 183 -31.55 -10.10 4.91
#